data_3TFN
#
_entry.id   3TFN
#
_cell.length_a   80.229
_cell.length_b   80.229
_cell.length_c   91.820
_cell.angle_alpha   90.00
_cell.angle_beta   90.00
_cell.angle_gamma   120.00
#
_symmetry.space_group_name_H-M   'P 32 2 1'
#
loop_
_entity.id
_entity.type
_entity.pdbx_description
1 polymer 'Dehydrosqualene synthase'
2 non-polymer '(1-{2-[4-(diphenylmethyl)piperazin-1-yl]-2-oxoethyl}cyclopentyl)acetic acid'
3 non-polymer 'MAGNESIUM ION'
4 water water
#
_entity_poly.entity_id   1
_entity_poly.type   'polypeptide(L)'
_entity_poly.pdbx_seq_one_letter_code
;AAAAAAMTMMDMNFKYCHKIMKKHSKSFSYAFDLLPEDQRKAVWAIYAVCRKIDDSIDVYGDIQFLNQIKEDIQSIEKYP
YEYHHFQSDRRIMMALQHVAQHKNIAFQSFYNLIDTVYKDQHFTMFETDAELFGYCYGVAGTVGEVLTPILSDHETHQTY
DVARRLGESLQLINILRDVGEDFENERIYFSKQRLKQYEVDIAEVYQNGVNNHYIDLWEYYAAIAEKDFRDVMDQIKVFS
IEAQPIIELAARIYIEILDEVRQANYTLHERVFVEKRKKAKLFHEINSKYHRI
;
_entity_poly.pdbx_strand_id   A
#
loop_
_chem_comp.id
_chem_comp.type
_chem_comp.name
_chem_comp.formula
2CJ non-polymer '(1-{2-[4-(diphenylmethyl)piperazin-1-yl]-2-oxoethyl}cyclopentyl)acetic acid' 'C26 H32 N2 O3'
MG non-polymer 'MAGNESIUM ION' 'Mg 2'
#
# COMPACT_ATOMS: atom_id res chain seq x y z
N MET A 7 9.06 23.05 -18.53
CA MET A 7 9.45 22.02 -17.46
C MET A 7 10.02 22.70 -16.22
N THR A 8 9.19 22.88 -15.21
CA THR A 8 9.58 23.68 -14.07
C THR A 8 10.31 22.85 -13.01
N MET A 9 10.84 23.51 -11.99
CA MET A 9 11.36 22.81 -10.82
C MET A 9 10.29 21.89 -10.19
N MET A 10 9.09 22.40 -10.02
CA MET A 10 7.99 21.57 -9.48
C MET A 10 7.68 20.33 -10.36
N ASP A 11 7.69 20.43 -11.69
CA ASP A 11 7.57 19.28 -12.57
C ASP A 11 8.64 18.22 -12.28
N MET A 12 9.89 18.67 -12.09
CA MET A 12 10.97 17.74 -11.81
C MET A 12 10.72 17.00 -10.49
N ASN A 13 10.26 17.72 -9.46
CA ASN A 13 9.95 17.09 -8.16
C ASN A 13 8.90 15.98 -8.36
N PHE A 14 7.83 16.30 -9.10
CA PHE A 14 6.79 15.28 -9.37
C PHE A 14 7.33 14.14 -10.23
N LYS A 15 8.27 14.46 -11.14
CA LYS A 15 8.74 13.39 -12.02
C LYS A 15 9.61 12.41 -11.20
N TYR A 16 10.37 12.98 -10.27
CA TYR A 16 11.05 12.14 -9.31
C TYR A 16 10.12 11.22 -8.52
N CYS A 17 9.05 11.75 -7.97
CA CYS A 17 8.06 10.93 -7.22
C CYS A 17 7.48 9.80 -8.10
N HIS A 18 7.23 10.14 -9.37
CA HIS A 18 6.75 9.14 -10.35
C HIS A 18 7.77 7.97 -10.48
N LYS A 19 9.04 8.35 -10.64
CA LYS A 19 10.14 7.40 -10.84
C LYS A 19 10.13 6.43 -9.69
N ILE A 20 9.90 6.94 -8.48
CA ILE A 20 9.96 6.12 -7.24
C ILE A 20 8.79 5.12 -7.31
N MET A 21 7.64 5.61 -7.74
CA MET A 21 6.44 4.78 -7.77
C MET A 21 6.52 3.71 -8.89
N LYS A 22 6.95 4.09 -10.09
CA LYS A 22 7.22 3.15 -11.21
C LYS A 22 8.21 2.04 -10.78
N LYS A 23 9.29 2.45 -10.14
CA LYS A 23 10.29 1.52 -9.65
C LYS A 23 9.77 0.48 -8.62
N HIS A 24 8.94 0.91 -7.68
N HIS A 24 8.99 0.91 -7.63
CA HIS A 24 8.66 0.02 -6.57
CA HIS A 24 8.64 0.01 -6.52
C HIS A 24 7.33 -0.71 -6.62
C HIS A 24 7.37 -0.81 -6.74
N SER A 25 6.42 -0.29 -7.52
CA SER A 25 5.15 -0.98 -7.71
C SER A 25 4.64 -0.80 -9.13
N LYS A 26 5.00 -1.74 -10.00
CA LYS A 26 4.52 -1.70 -11.37
C LYS A 26 2.99 -1.68 -11.51
N SER A 27 2.30 -2.43 -10.66
CA SER A 27 0.85 -2.53 -10.76
C SER A 27 0.17 -1.24 -10.40
N PHE A 28 0.58 -0.59 -9.29
CA PHE A 28 -0.09 0.65 -8.86
C PHE A 28 0.28 1.73 -9.80
N SER A 29 1.54 1.68 -10.22
CA SER A 29 1.99 2.61 -11.25
C SER A 29 1.13 2.50 -12.51
N TYR A 30 0.96 1.27 -12.98
CA TYR A 30 0.19 1.04 -14.22
C TYR A 30 -1.22 1.62 -14.11
N ALA A 31 -1.89 1.41 -12.98
CA ALA A 31 -3.29 1.92 -12.84
C ALA A 31 -3.43 3.43 -12.60
N PHE A 32 -2.70 3.97 -11.62
CA PHE A 32 -2.94 5.36 -11.16
C PHE A 32 -2.35 6.33 -12.11
N ASP A 33 -1.38 5.88 -12.91
CA ASP A 33 -0.92 6.71 -14.02
C ASP A 33 -2.02 7.04 -15.06
N LEU A 34 -3.16 6.35 -14.98
CA LEU A 34 -4.26 6.60 -15.96
C LEU A 34 -5.13 7.71 -15.47
N LEU A 35 -4.89 8.21 -14.25
CA LEU A 35 -5.69 9.32 -13.71
C LEU A 35 -5.38 10.61 -14.49
N PRO A 36 -6.32 11.59 -14.51
CA PRO A 36 -6.03 12.91 -15.03
C PRO A 36 -4.74 13.46 -14.39
N GLU A 37 -4.05 14.36 -15.08
CA GLU A 37 -2.73 14.83 -14.68
C GLU A 37 -2.61 15.35 -13.24
N ASP A 38 -3.44 16.30 -12.81
CA ASP A 38 -3.32 16.77 -11.40
C ASP A 38 -3.60 15.70 -10.34
N GLN A 39 -4.41 14.68 -10.65
CA GLN A 39 -4.70 13.65 -9.64
C GLN A 39 -3.55 12.67 -9.58
N ARG A 40 -3.02 12.27 -10.73
CA ARG A 40 -1.91 11.30 -10.74
C ARG A 40 -0.67 11.88 -10.07
N LYS A 41 -0.38 13.16 -10.32
CA LYS A 41 0.78 13.81 -9.71
C LYS A 41 0.60 13.82 -8.19
N ALA A 42 -0.60 14.09 -7.71
CA ALA A 42 -0.85 14.05 -6.27
C ALA A 42 -0.68 12.63 -5.70
N VAL A 43 -1.12 11.64 -6.47
CA VAL A 43 -0.87 10.26 -6.09
C VAL A 43 0.62 9.89 -6.06
N TRP A 44 1.37 10.31 -7.08
CA TRP A 44 2.82 9.99 -7.05
C TRP A 44 3.56 10.54 -5.77
N ALA A 45 3.27 11.78 -5.43
CA ALA A 45 3.81 12.49 -4.26
C ALA A 45 3.44 11.75 -2.96
N ILE A 46 2.18 11.38 -2.82
CA ILE A 46 1.73 10.59 -1.61
C ILE A 46 2.44 9.24 -1.54
N TYR A 47 2.45 8.56 -2.67
CA TYR A 47 3.18 7.30 -2.76
C TYR A 47 4.66 7.42 -2.41
N ALA A 48 5.31 8.45 -2.94
CA ALA A 48 6.75 8.56 -2.72
C ALA A 48 7.02 8.85 -1.26
N VAL A 49 6.22 9.68 -0.62
CA VAL A 49 6.43 9.96 0.81
C VAL A 49 6.27 8.62 1.61
N CYS A 50 5.17 7.90 1.33
CA CYS A 50 4.94 6.63 2.08
C CYS A 50 6.08 5.63 1.90
N ARG A 51 6.57 5.49 0.66
CA ARG A 51 7.75 4.67 0.37
C ARG A 51 9.03 5.05 1.14
N LYS A 52 9.32 6.35 1.17
CA LYS A 52 10.47 6.87 1.93
C LYS A 52 10.32 6.55 3.41
N ILE A 53 9.13 6.70 3.94
CA ILE A 53 8.87 6.31 5.34
C ILE A 53 9.17 4.78 5.51
N ASP A 54 8.62 3.96 4.62
CA ASP A 54 8.81 2.52 4.66
C ASP A 54 10.31 2.10 4.59
N ASP A 55 11.12 2.86 3.82
CA ASP A 55 12.53 2.58 3.62
C ASP A 55 13.51 3.32 4.60
N SER A 56 12.97 4.18 5.48
CA SER A 56 13.80 5.09 6.25
C SER A 56 14.81 4.46 7.24
N ILE A 57 14.42 3.35 7.83
CA ILE A 57 15.25 2.73 8.87
C ILE A 57 16.59 2.19 8.29
N ASP A 58 16.54 1.66 7.08
CA ASP A 58 17.69 1.11 6.44
C ASP A 58 18.63 2.13 5.80
N VAL A 59 18.42 3.44 6.00
CA VAL A 59 19.39 4.39 5.46
C VAL A 59 20.69 4.39 6.26
N TYR A 60 20.60 4.61 7.57
CA TYR A 60 21.79 4.51 8.48
C TYR A 60 21.69 3.30 9.38
N GLY A 61 20.47 2.81 9.55
CA GLY A 61 20.19 1.67 10.42
C GLY A 61 19.51 2.06 11.73
N ASP A 62 18.90 3.26 11.79
CA ASP A 62 18.21 3.72 13.03
C ASP A 62 17.10 4.71 12.66
N ILE A 63 16.54 5.42 13.64
CA ILE A 63 15.38 6.26 13.38
C ILE A 63 15.63 7.70 12.93
N GLN A 64 16.90 8.05 12.70
CA GLN A 64 17.28 9.44 12.36
C GLN A 64 16.49 9.97 11.19
N PHE A 65 16.64 9.29 10.07
CA PHE A 65 16.04 9.81 8.86
C PHE A 65 14.51 9.81 9.02
N LEU A 66 13.96 8.80 9.70
CA LEU A 66 12.51 8.78 9.86
C LEU A 66 12.01 10.00 10.67
N ASN A 67 12.69 10.34 11.77
CA ASN A 67 12.35 11.58 12.53
C ASN A 67 12.43 12.86 11.67
N GLN A 68 13.38 12.96 10.72
CA GLN A 68 13.44 14.12 9.80
C GLN A 68 12.25 14.12 8.85
N ILE A 69 11.87 12.92 8.35
CA ILE A 69 10.68 12.90 7.48
C ILE A 69 9.45 13.42 8.27
N LYS A 70 9.33 12.96 9.52
CA LYS A 70 8.15 13.30 10.33
C LYS A 70 8.12 14.86 10.56
N GLU A 71 9.30 15.40 10.88
CA GLU A 71 9.41 16.86 11.09
C GLU A 71 9.08 17.65 9.84
N ASP A 72 9.52 17.15 8.67
CA ASP A 72 9.12 17.76 7.38
C ASP A 72 7.61 17.83 7.18
N ILE A 73 6.95 16.70 7.43
CA ILE A 73 5.48 16.62 7.37
C ILE A 73 4.80 17.55 8.37
N GLN A 74 5.31 17.61 9.59
CA GLN A 74 4.74 18.50 10.58
C GLN A 74 4.93 19.96 10.16
N SER A 75 6.07 20.28 9.54
CA SER A 75 6.23 21.68 9.02
C SER A 75 5.15 22.06 8.03
N ILE A 76 4.90 21.15 7.07
CA ILE A 76 3.88 21.34 6.04
C ILE A 76 2.50 21.51 6.68
N GLU A 77 2.21 20.66 7.66
CA GLU A 77 0.90 20.67 8.29
C GLU A 77 0.70 22.02 9.04
N LYS A 78 1.72 22.43 9.77
CA LYS A 78 1.59 23.66 10.62
C LYS A 78 1.69 24.96 9.76
N TYR A 79 2.62 24.99 8.78
CA TYR A 79 2.78 26.14 7.87
C TYR A 79 2.74 25.78 6.39
N PRO A 80 1.56 25.50 5.87
CA PRO A 80 1.45 24.97 4.53
C PRO A 80 1.99 25.91 3.46
N TYR A 81 2.01 27.22 3.72
CA TYR A 81 2.40 28.23 2.69
C TYR A 81 3.78 28.87 2.96
N GLU A 82 4.53 28.38 3.94
CA GLU A 82 5.82 29.01 4.18
C GLU A 82 6.84 28.20 3.41
N TYR A 83 7.90 28.88 2.97
CA TYR A 83 9.08 28.20 2.52
C TYR A 83 9.80 27.41 3.64
N HIS A 84 10.04 26.12 3.41
CA HIS A 84 10.74 25.28 4.36
C HIS A 84 11.99 24.76 3.76
N HIS A 85 13.05 24.74 4.59
CA HIS A 85 14.26 23.95 4.31
C HIS A 85 14.11 22.50 4.81
N PHE A 86 13.62 21.64 3.94
CA PHE A 86 13.28 20.27 4.37
C PHE A 86 14.51 19.48 4.74
N GLN A 87 14.41 18.73 5.82
CA GLN A 87 15.50 17.97 6.36
C GLN A 87 15.66 16.63 5.68
N SER A 88 14.62 16.09 5.06
CA SER A 88 14.73 14.74 4.52
C SER A 88 14.88 14.74 2.99
N ASP A 89 13.86 14.33 2.22
CA ASP A 89 14.04 14.33 0.77
C ASP A 89 13.31 15.57 0.24
N ARG A 90 14.04 16.60 -0.17
CA ARG A 90 13.44 17.88 -0.51
C ARG A 90 12.47 17.78 -1.67
N ARG A 91 12.86 17.03 -2.70
CA ARG A 91 11.97 16.94 -3.90
C ARG A 91 10.59 16.40 -3.54
N ILE A 92 10.59 15.37 -2.70
CA ILE A 92 9.35 14.73 -2.31
C ILE A 92 8.54 15.68 -1.39
N MET A 93 9.21 16.31 -0.44
CA MET A 93 8.47 17.18 0.50
C MET A 93 7.94 18.47 -0.19
N MET A 94 8.66 18.97 -1.19
CA MET A 94 8.07 20.11 -2.00
C MET A 94 6.79 19.73 -2.75
N ALA A 95 6.83 18.58 -3.40
CA ALA A 95 5.62 18.04 -4.08
C ALA A 95 4.50 17.79 -3.09
N LEU A 96 4.79 17.13 -1.96
CA LEU A 96 3.74 16.98 -0.93
C LEU A 96 3.19 18.33 -0.47
N GLN A 97 4.08 19.25 -0.19
CA GLN A 97 3.55 20.58 0.22
C GLN A 97 2.66 21.18 -0.85
N HIS A 98 3.00 20.94 -2.11
CA HIS A 98 2.19 21.51 -3.20
C HIS A 98 0.83 20.83 -3.16
N VAL A 99 0.83 19.50 -3.01
CA VAL A 99 -0.46 18.80 -2.90
C VAL A 99 -1.32 19.35 -1.72
N ALA A 100 -0.69 19.57 -0.57
CA ALA A 100 -1.38 20.03 0.65
C ALA A 100 -2.02 21.42 0.53
N GLN A 101 -1.46 22.28 -0.30
CA GLN A 101 -2.05 23.58 -0.55
C GLN A 101 -3.34 23.48 -1.36
N HIS A 102 -3.55 22.36 -2.08
CA HIS A 102 -4.73 22.18 -2.95
C HIS A 102 -5.73 21.19 -2.41
N LYS A 103 -5.31 20.38 -1.44
CA LYS A 103 -6.12 19.25 -0.94
C LYS A 103 -6.03 19.10 0.59
N ASN A 104 -7.14 18.71 1.20
CA ASN A 104 -7.21 18.47 2.63
C ASN A 104 -6.56 17.11 2.97
N ILE A 105 -5.27 17.12 3.28
CA ILE A 105 -4.56 15.89 3.63
C ILE A 105 -4.81 15.47 5.08
N ALA A 106 -5.05 14.19 5.31
CA ALA A 106 -5.17 13.67 6.68
C ALA A 106 -3.79 13.46 7.28
N PHE A 107 -3.20 14.50 7.89
CA PHE A 107 -1.88 14.36 8.44
C PHE A 107 -1.76 13.29 9.52
N GLN A 108 -2.79 13.12 10.33
CA GLN A 108 -2.72 12.08 11.41
C GLN A 108 -2.55 10.68 10.77
N SER A 109 -2.98 10.53 9.52
CA SER A 109 -2.85 9.22 8.91
C SER A 109 -1.39 9.02 8.53
N PHE A 110 -0.65 10.04 8.08
CA PHE A 110 0.83 9.87 7.92
C PHE A 110 1.47 9.57 9.30
N TYR A 111 0.98 10.20 10.36
CA TYR A 111 1.65 9.96 11.66
C TYR A 111 1.41 8.52 12.15
N ASN A 112 0.24 8.00 11.84
CA ASN A 112 -0.10 6.60 12.19
C ASN A 112 0.82 5.66 11.45
N LEU A 113 1.04 5.96 10.17
CA LEU A 113 1.93 5.17 9.36
C LEU A 113 3.38 5.18 9.92
N ILE A 114 3.88 6.38 10.20
CA ILE A 114 5.19 6.55 10.80
C ILE A 114 5.27 5.81 12.16
N ASP A 115 4.20 5.82 12.95
CA ASP A 115 4.24 5.09 14.26
C ASP A 115 4.33 3.58 14.06
N THR A 116 3.70 3.08 13.01
CA THR A 116 3.76 1.66 12.69
C THR A 116 5.21 1.23 12.29
N VAL A 117 5.88 2.08 11.50
CA VAL A 117 7.30 1.95 11.22
C VAL A 117 8.23 1.98 12.45
N TYR A 118 8.12 2.97 13.35
CA TYR A 118 8.90 2.94 14.59
C TYR A 118 8.73 1.57 15.27
N LYS A 119 7.48 1.07 15.30
CA LYS A 119 7.16 -0.17 16.06
C LYS A 119 7.81 -1.38 15.47
N ASP A 120 8.00 -1.33 14.17
CA ASP A 120 8.45 -2.46 13.41
C ASP A 120 9.94 -2.72 13.65
N GLN A 121 10.66 -1.75 14.21
CA GLN A 121 12.00 -2.02 14.71
C GLN A 121 12.04 -3.12 15.80
N HIS A 122 11.04 -3.17 16.68
CA HIS A 122 10.96 -4.22 17.71
C HIS A 122 9.72 -5.08 17.46
N PHE A 123 9.68 -5.61 16.23
CA PHE A 123 8.59 -6.42 15.73
C PHE A 123 8.54 -7.67 16.53
N THR A 124 7.32 -8.02 16.93
CA THR A 124 7.08 -9.28 17.50
C THR A 124 5.81 -9.68 16.76
N MET A 125 5.69 -10.99 16.56
CA MET A 125 4.62 -11.57 15.79
C MET A 125 3.31 -11.27 16.44
N PHE A 126 2.25 -11.27 15.64
CA PHE A 126 0.92 -10.92 16.09
C PHE A 126 0.30 -12.12 16.80
N GLU A 127 -0.32 -11.90 17.97
CA GLU A 127 -0.94 -12.94 18.75
C GLU A 127 -2.16 -13.36 18.07
N THR A 128 -2.89 -12.40 17.52
CA THR A 128 -4.19 -12.62 16.97
C THR A 128 -4.33 -11.89 15.63
N ASP A 129 -5.37 -12.28 14.91
CA ASP A 129 -5.74 -11.63 13.69
C ASP A 129 -6.11 -10.17 13.85
N ALA A 130 -6.79 -9.82 14.95
CA ALA A 130 -7.06 -8.42 15.28
C ALA A 130 -5.80 -7.56 15.26
N GLU A 131 -4.68 -8.09 15.76
CA GLU A 131 -3.37 -7.41 15.71
C GLU A 131 -2.80 -7.34 14.29
N LEU A 132 -2.94 -8.42 13.53
CA LEU A 132 -2.56 -8.39 12.12
C LEU A 132 -3.36 -7.32 11.36
N PHE A 133 -4.68 -7.30 11.53
CA PHE A 133 -5.50 -6.31 10.86
C PHE A 133 -5.20 -4.86 11.33
N GLY A 134 -4.90 -4.70 12.60
CA GLY A 134 -4.38 -3.43 13.10
C GLY A 134 -3.13 -2.95 12.39
N TYR A 135 -2.24 -3.90 12.07
CA TYR A 135 -1.05 -3.58 11.32
C TYR A 135 -1.33 -3.19 9.86
N CYS A 136 -2.30 -3.86 9.22
CA CYS A 136 -2.70 -3.55 7.85
C CYS A 136 -3.29 -2.14 7.79
N TYR A 137 -4.09 -1.79 8.81
CA TYR A 137 -4.51 -0.39 8.96
C TYR A 137 -3.29 0.53 9.03
N GLY A 138 -2.41 0.28 9.99
CA GLY A 138 -1.26 1.13 10.22
C GLY A 138 -0.43 1.39 8.97
N VAL A 139 -0.21 0.35 8.19
CA VAL A 139 0.72 0.41 7.09
C VAL A 139 0.04 0.75 5.74
N ALA A 140 -1.27 0.56 5.64
CA ALA A 140 -1.89 0.65 4.33
C ALA A 140 -3.28 1.29 4.39
N GLY A 141 -4.06 1.02 5.44
CA GLY A 141 -5.39 1.69 5.58
C GLY A 141 -5.15 3.20 5.69
N THR A 142 -4.12 3.57 6.45
CA THR A 142 -3.66 4.98 6.61
C THR A 142 -3.40 5.67 5.25
N VAL A 143 -2.72 4.98 4.35
CA VAL A 143 -2.41 5.48 3.01
C VAL A 143 -3.66 5.64 2.19
N GLY A 144 -4.61 4.69 2.31
CA GLY A 144 -6.00 4.91 1.71
C GLY A 144 -6.70 6.19 2.22
N GLU A 145 -6.60 6.43 3.52
CA GLU A 145 -7.17 7.66 4.10
C GLU A 145 -6.48 8.89 3.49
N VAL A 146 -5.14 8.85 3.39
CA VAL A 146 -4.42 9.99 2.83
C VAL A 146 -4.84 10.26 1.39
N LEU A 147 -5.07 9.19 0.58
CA LEU A 147 -5.52 9.28 -0.86
C LEU A 147 -6.94 9.72 -1.07
N THR A 148 -7.78 9.56 -0.06
CA THR A 148 -9.22 9.80 -0.20
C THR A 148 -9.62 11.17 -0.85
N PRO A 149 -9.07 12.31 -0.37
CA PRO A 149 -9.48 13.58 -1.03
C PRO A 149 -9.00 13.65 -2.49
N ILE A 150 -7.99 12.87 -2.86
CA ILE A 150 -7.51 12.89 -4.21
C ILE A 150 -8.45 12.13 -5.10
N LEU A 151 -9.05 11.08 -4.59
CA LEU A 151 -9.82 10.13 -5.41
C LEU A 151 -11.33 10.32 -5.36
N SER A 152 -11.81 11.27 -4.57
CA SER A 152 -13.23 11.56 -4.46
C SER A 152 -13.47 13.05 -4.47
N ASP A 153 -14.67 13.44 -4.87
CA ASP A 153 -15.02 14.84 -5.08
C ASP A 153 -15.44 15.52 -3.80
N HIS A 154 -16.00 14.72 -2.90
CA HIS A 154 -16.74 15.15 -1.73
C HIS A 154 -16.55 13.96 -0.78
N GLU A 155 -15.69 14.12 0.20
CA GLU A 155 -15.34 13.03 1.07
C GLU A 155 -16.34 12.96 2.20
N THR A 156 -16.88 11.76 2.44
CA THR A 156 -17.69 11.56 3.61
C THR A 156 -17.01 10.42 4.37
N HIS A 157 -17.54 10.05 5.52
CA HIS A 157 -16.93 8.98 6.25
C HIS A 157 -16.90 7.67 5.41
N GLN A 158 -17.94 7.40 4.58
CA GLN A 158 -17.94 6.21 3.70
C GLN A 158 -16.79 6.20 2.76
N THR A 159 -16.41 7.36 2.21
CA THR A 159 -15.31 7.38 1.26
C THR A 159 -14.04 6.93 1.96
N TYR A 160 -13.86 7.42 3.18
CA TYR A 160 -12.69 7.06 3.95
C TYR A 160 -12.76 5.56 4.29
N ASP A 161 -13.95 5.08 4.68
CA ASP A 161 -14.12 3.69 5.05
C ASP A 161 -13.76 2.74 3.90
N VAL A 162 -14.25 3.00 2.70
CA VAL A 162 -13.92 2.19 1.52
C VAL A 162 -12.41 2.24 1.18
N ALA A 163 -11.82 3.45 1.18
CA ALA A 163 -10.41 3.59 0.82
C ALA A 163 -9.55 2.87 1.79
N ARG A 164 -9.89 3.00 3.06
CA ARG A 164 -9.19 2.32 4.11
C ARG A 164 -9.23 0.81 3.96
N ARG A 165 -10.41 0.26 3.75
CA ARG A 165 -10.60 -1.17 3.52
C ARG A 165 -9.87 -1.67 2.26
N LEU A 166 -9.92 -0.89 1.18
CA LEU A 166 -9.12 -1.18 0.00
C LEU A 166 -7.66 -1.25 0.35
N GLY A 167 -7.09 -0.24 1.06
CA GLY A 167 -5.67 -0.27 1.53
C GLY A 167 -5.33 -1.54 2.29
N GLU A 168 -6.19 -1.87 3.25
CA GLU A 168 -5.84 -3.01 4.09
C GLU A 168 -5.89 -4.33 3.32
N SER A 169 -6.82 -4.41 2.36
CA SER A 169 -6.96 -5.67 1.64
C SER A 169 -5.81 -5.84 0.60
N LEU A 170 -5.39 -4.75 -0.04
CA LEU A 170 -4.10 -4.73 -0.77
C LEU A 170 -2.91 -5.15 0.06
N GLN A 171 -2.79 -4.68 1.28
CA GLN A 171 -1.73 -5.15 2.17
C GLN A 171 -1.84 -6.65 2.46
N LEU A 172 -3.04 -7.12 2.68
CA LEU A 172 -3.18 -8.53 3.01
C LEU A 172 -2.69 -9.37 1.80
N ILE A 173 -3.02 -8.91 0.60
CA ILE A 173 -2.58 -9.57 -0.61
C ILE A 173 -1.06 -9.51 -0.74
N ASN A 174 -0.41 -8.37 -0.40
CA ASN A 174 1.06 -8.32 -0.38
C ASN A 174 1.56 -9.41 0.55
N ILE A 175 0.99 -9.51 1.73
CA ILE A 175 1.46 -10.50 2.72
C ILE A 175 1.45 -11.93 2.15
N LEU A 176 0.36 -12.22 1.48
CA LEU A 176 0.08 -13.56 0.94
C LEU A 176 1.04 -13.83 -0.24
N ARG A 177 1.42 -12.81 -1.00
CA ARG A 177 2.40 -12.96 -2.08
C ARG A 177 3.80 -13.13 -1.56
N ASP A 178 4.12 -12.52 -0.41
CA ASP A 178 5.51 -12.34 -0.01
C ASP A 178 5.86 -13.22 1.16
N VAL A 179 5.06 -14.25 1.45
CA VAL A 179 5.35 -15.09 2.63
C VAL A 179 6.84 -15.48 2.74
N GLY A 180 7.38 -16.04 1.68
CA GLY A 180 8.78 -16.52 1.70
C GLY A 180 9.85 -15.43 1.87
N GLU A 181 9.78 -14.40 1.03
CA GLU A 181 10.69 -13.25 1.21
C GLU A 181 10.59 -12.61 2.58
N ASP A 182 9.35 -12.49 3.09
CA ASP A 182 9.25 -11.93 4.45
C ASP A 182 9.93 -12.90 5.48
N PHE A 183 9.70 -14.20 5.30
CA PHE A 183 10.30 -15.15 6.25
C PHE A 183 11.84 -14.98 6.24
N GLU A 184 12.45 -14.89 5.07
CA GLU A 184 13.93 -14.60 5.00
C GLU A 184 14.34 -13.34 5.79
N ASN A 185 13.43 -12.38 5.89
CA ASN A 185 13.75 -11.12 6.54
C ASN A 185 13.25 -11.16 7.96
N GLU A 186 13.01 -12.39 8.43
CA GLU A 186 12.66 -12.56 9.82
C GLU A 186 11.33 -11.89 10.14
N ARG A 187 10.41 -12.00 9.21
CA ARG A 187 9.09 -11.49 9.47
C ARG A 187 8.06 -12.57 9.12
N ILE A 188 7.13 -12.78 10.02
CA ILE A 188 5.93 -13.55 9.72
C ILE A 188 4.70 -12.75 10.13
N TYR A 189 3.75 -12.60 9.22
CA TYR A 189 2.60 -11.72 9.48
C TYR A 189 1.33 -12.48 9.76
N PHE A 190 1.29 -13.76 9.45
CA PHE A 190 0.14 -14.57 9.91
C PHE A 190 0.13 -14.58 11.42
N SER A 191 -1.06 -14.60 12.04
CA SER A 191 -1.12 -14.51 13.51
C SER A 191 -0.74 -15.85 14.18
N LYS A 192 -0.18 -15.79 15.39
CA LYS A 192 0.10 -16.99 16.18
C LYS A 192 -1.15 -17.85 16.42
N GLN A 193 -2.30 -17.21 16.69
CA GLN A 193 -3.53 -17.93 16.85
C GLN A 193 -3.83 -18.76 15.57
N ARG A 194 -3.69 -18.15 14.40
CA ARG A 194 -4.11 -18.87 13.19
C ARG A 194 -3.05 -19.92 12.76
N LEU A 195 -1.76 -19.63 12.92
CA LEU A 195 -0.69 -20.60 12.71
C LEU A 195 -0.89 -21.83 13.62
N LYS A 196 -1.22 -21.60 14.89
CA LYS A 196 -1.48 -22.69 15.83
C LYS A 196 -2.71 -23.51 15.43
N GLN A 197 -3.82 -22.85 15.22
CA GLN A 197 -5.02 -23.51 14.72
C GLN A 197 -4.87 -24.41 13.47
N TYR A 198 -4.10 -23.95 12.48
CA TYR A 198 -3.91 -24.71 11.26
C TYR A 198 -2.72 -25.63 11.33
N GLU A 199 -2.02 -25.64 12.46
CA GLU A 199 -0.79 -26.43 12.64
C GLU A 199 0.28 -26.16 11.62
N VAL A 200 0.67 -24.89 11.48
CA VAL A 200 1.54 -24.48 10.41
C VAL A 200 2.75 -23.86 11.06
N ASP A 201 3.97 -24.22 10.58
CA ASP A 201 5.19 -23.59 11.02
C ASP A 201 5.91 -23.08 9.80
N ILE A 202 5.87 -21.75 9.58
CA ILE A 202 6.53 -21.16 8.39
C ILE A 202 7.98 -21.63 8.14
N ALA A 203 8.85 -21.61 9.15
CA ALA A 203 10.21 -22.15 8.99
C ALA A 203 10.11 -23.56 8.41
N GLU A 204 9.20 -24.36 8.92
CA GLU A 204 9.12 -25.75 8.44
C GLU A 204 8.70 -25.80 6.99
N VAL A 205 7.68 -25.00 6.65
CA VAL A 205 7.17 -24.89 5.26
C VAL A 205 8.23 -24.30 4.32
N TYR A 206 9.00 -23.33 4.77
CA TYR A 206 10.09 -22.79 3.96
C TYR A 206 11.18 -23.87 3.65
N GLN A 207 11.50 -24.70 4.65
CA GLN A 207 12.47 -25.81 4.45
C GLN A 207 11.91 -26.96 3.60
N ASN A 208 10.69 -27.38 3.84
CA ASN A 208 10.17 -28.61 3.27
C ASN A 208 9.10 -28.52 2.19
N GLY A 209 8.64 -27.31 1.83
CA GLY A 209 7.57 -27.25 0.83
C GLY A 209 6.22 -27.06 1.47
N VAL A 210 5.25 -26.70 0.64
CA VAL A 210 3.87 -26.55 1.09
C VAL A 210 3.37 -27.88 1.61
N ASN A 211 2.23 -27.88 2.28
CA ASN A 211 1.48 -29.12 2.63
C ASN A 211 0.04 -28.65 2.69
N ASN A 212 -0.89 -29.53 3.05
CA ASN A 212 -2.27 -29.13 3.07
C ASN A 212 -2.68 -28.18 4.20
N HIS A 213 -2.07 -28.29 5.36
CA HIS A 213 -2.34 -27.30 6.42
C HIS A 213 -1.96 -25.85 5.97
N TYR A 214 -0.80 -25.73 5.33
CA TYR A 214 -0.31 -24.41 4.86
C TYR A 214 -1.29 -23.83 3.84
N ILE A 215 -1.68 -24.66 2.88
CA ILE A 215 -2.61 -24.21 1.85
C ILE A 215 -3.94 -23.78 2.44
N ASP A 216 -4.44 -24.54 3.42
CA ASP A 216 -5.64 -24.12 4.12
C ASP A 216 -5.45 -22.75 4.88
N LEU A 217 -4.35 -22.55 5.60
CA LEU A 217 -4.08 -21.27 6.30
C LEU A 217 -4.07 -20.15 5.24
N TRP A 218 -3.30 -20.32 4.17
CA TRP A 218 -3.19 -19.31 3.15
C TRP A 218 -4.55 -18.92 2.61
N GLU A 219 -5.37 -19.93 2.27
CA GLU A 219 -6.69 -19.72 1.67
C GLU A 219 -7.68 -19.07 2.63
N TYR A 220 -7.52 -19.37 3.91
CA TYR A 220 -8.28 -18.66 4.93
C TYR A 220 -8.12 -17.14 4.78
N TYR A 221 -6.89 -16.65 4.74
CA TYR A 221 -6.65 -15.20 4.62
C TYR A 221 -7.01 -14.71 3.21
N ALA A 222 -6.75 -15.52 2.19
CA ALA A 222 -7.13 -15.13 0.79
C ALA A 222 -8.62 -14.88 0.69
N ALA A 223 -9.42 -15.68 1.42
CA ALA A 223 -10.86 -15.49 1.34
C ALA A 223 -11.27 -14.20 2.02
N ILE A 224 -10.58 -13.80 3.08
CA ILE A 224 -10.82 -12.50 3.76
C ILE A 224 -10.53 -11.37 2.78
N ALA A 225 -9.36 -11.39 2.14
CA ALA A 225 -9.01 -10.33 1.18
C ALA A 225 -10.02 -10.26 0.06
N GLU A 226 -10.44 -11.41 -0.46
CA GLU A 226 -11.45 -11.47 -1.53
C GLU A 226 -12.84 -10.91 -1.16
N LYS A 227 -13.34 -11.29 0.01
CA LYS A 227 -14.60 -10.69 0.48
C LYS A 227 -14.46 -9.16 0.69
N ASP A 228 -13.33 -8.70 1.22
CA ASP A 228 -13.16 -7.26 1.42
C ASP A 228 -13.19 -6.53 0.07
N PHE A 229 -12.47 -7.07 -0.91
CA PHE A 229 -12.44 -6.59 -2.29
C PHE A 229 -13.83 -6.45 -2.88
N ARG A 230 -14.68 -7.49 -2.74
CA ARG A 230 -16.09 -7.44 -3.23
C ARG A 230 -16.87 -6.34 -2.50
N ASP A 231 -16.65 -6.22 -1.19
CA ASP A 231 -17.25 -5.12 -0.48
C ASP A 231 -16.80 -3.74 -1.00
N VAL A 232 -15.52 -3.56 -1.27
CA VAL A 232 -15.06 -2.35 -1.95
C VAL A 232 -15.73 -2.09 -3.35
N MET A 233 -15.72 -3.09 -4.24
CA MET A 233 -16.35 -2.95 -5.53
C MET A 233 -17.81 -2.57 -5.40
N ASP A 234 -18.57 -3.17 -4.48
CA ASP A 234 -19.97 -2.74 -4.33
C ASP A 234 -20.13 -1.30 -3.88
N GLN A 235 -19.06 -0.67 -3.34
CA GLN A 235 -19.12 0.73 -2.89
C GLN A 235 -18.23 1.64 -3.72
N ILE A 236 -17.90 1.21 -4.93
CA ILE A 236 -17.06 1.95 -5.87
C ILE A 236 -17.54 3.41 -6.15
N LYS A 237 -18.86 3.63 -6.11
CA LYS A 237 -19.38 4.97 -6.47
C LYS A 237 -19.09 6.09 -5.42
N VAL A 238 -18.48 5.75 -4.29
CA VAL A 238 -18.01 6.82 -3.39
C VAL A 238 -16.89 7.62 -4.03
N PHE A 239 -16.22 7.04 -5.02
CA PHE A 239 -15.06 7.67 -5.63
C PHE A 239 -15.49 8.48 -6.86
N SER A 240 -14.70 9.49 -7.25
CA SER A 240 -15.01 10.26 -8.48
C SER A 240 -15.14 9.33 -9.69
N ILE A 241 -15.88 9.78 -10.70
CA ILE A 241 -16.13 8.94 -11.89
C ILE A 241 -14.82 8.57 -12.59
N GLU A 242 -13.88 9.51 -12.64
CA GLU A 242 -12.59 9.26 -13.29
C GLU A 242 -11.73 8.22 -12.52
N ALA A 243 -11.88 8.16 -11.19
CA ALA A 243 -11.06 7.26 -10.40
C ALA A 243 -11.67 5.88 -10.31
N GLN A 244 -12.99 5.79 -10.49
CA GLN A 244 -13.63 4.48 -10.35
C GLN A 244 -13.02 3.35 -11.22
N PRO A 245 -12.84 3.55 -12.56
CA PRO A 245 -12.26 2.40 -13.30
C PRO A 245 -10.79 2.13 -12.90
N ILE A 246 -10.10 3.15 -12.44
CA ILE A 246 -8.70 3.07 -12.05
C ILE A 246 -8.55 2.25 -10.80
N ILE A 247 -9.42 2.54 -9.85
CA ILE A 247 -9.44 1.83 -8.57
C ILE A 247 -9.94 0.44 -8.78
N GLU A 248 -10.97 0.31 -9.60
CA GLU A 248 -11.38 -1.06 -9.99
C GLU A 248 -10.22 -1.89 -10.64
N LEU A 249 -9.42 -1.22 -11.44
CA LEU A 249 -8.32 -1.92 -12.09
C LEU A 249 -7.22 -2.30 -11.07
N ALA A 250 -6.84 -1.35 -10.22
CA ALA A 250 -5.81 -1.60 -9.19
C ALA A 250 -6.23 -2.81 -8.41
N ALA A 251 -7.51 -2.89 -8.07
CA ALA A 251 -8.04 -3.98 -7.31
C ALA A 251 -7.91 -5.35 -8.04
N ARG A 252 -8.42 -5.37 -9.27
CA ARG A 252 -8.54 -6.57 -10.09
C ARG A 252 -7.17 -7.20 -10.29
N ILE A 253 -6.18 -6.39 -10.56
CA ILE A 253 -4.83 -6.83 -10.63
C ILE A 253 -4.36 -7.50 -9.34
N TYR A 254 -4.78 -6.97 -8.18
CA TYR A 254 -4.32 -7.61 -6.89
C TYR A 254 -5.12 -8.88 -6.63
N ILE A 255 -6.35 -8.87 -7.02
CA ILE A 255 -7.02 -10.15 -6.98
C ILE A 255 -6.28 -11.20 -7.81
N GLU A 256 -5.79 -10.79 -8.99
CA GLU A 256 -5.09 -11.70 -9.86
C GLU A 256 -3.76 -12.20 -9.23
N ILE A 257 -3.14 -11.40 -8.37
CA ILE A 257 -1.95 -11.86 -7.69
C ILE A 257 -2.22 -13.16 -6.92
N LEU A 258 -3.41 -13.29 -6.37
CA LEU A 258 -3.78 -14.45 -5.59
C LEU A 258 -3.77 -15.68 -6.50
N ASP A 259 -4.28 -15.53 -7.72
CA ASP A 259 -4.22 -16.63 -8.70
C ASP A 259 -2.83 -16.96 -9.15
N GLU A 260 -1.99 -15.94 -9.34
CA GLU A 260 -0.61 -16.18 -9.64
C GLU A 260 0.05 -17.00 -8.55
N VAL A 261 -0.30 -16.76 -7.28
CA VAL A 261 0.33 -17.52 -6.21
C VAL A 261 -0.11 -19.01 -6.30
N ARG A 262 -1.43 -19.25 -6.48
CA ARG A 262 -1.97 -20.59 -6.50
C ARG A 262 -1.42 -21.39 -7.68
N GLN A 263 -1.20 -20.70 -8.81
CA GLN A 263 -0.68 -21.34 -9.99
C GLN A 263 0.76 -21.68 -9.76
N ALA A 264 1.47 -20.88 -8.96
CA ALA A 264 2.83 -21.20 -8.64
C ALA A 264 2.90 -22.15 -7.45
N ASN A 265 1.77 -22.81 -7.16
CA ASN A 265 1.73 -23.74 -6.00
C ASN A 265 2.20 -23.15 -4.65
N TYR A 266 1.93 -21.85 -4.45
CA TYR A 266 2.15 -21.16 -3.15
C TYR A 266 3.61 -21.14 -2.83
N THR A 267 4.48 -21.09 -3.84
CA THR A 267 5.91 -21.22 -3.56
C THR A 267 6.30 -20.12 -2.57
N LEU A 268 7.19 -20.50 -1.66
CA LEU A 268 7.80 -19.60 -0.75
C LEU A 268 9.18 -19.20 -1.22
N HIS A 269 9.51 -19.50 -2.47
CA HIS A 269 10.88 -19.23 -2.93
C HIS A 269 11.00 -18.32 -4.16
N GLU A 270 9.89 -17.76 -4.64
CA GLU A 270 10.01 -16.59 -5.52
C GLU A 270 8.84 -15.68 -5.35
N ARG A 271 9.02 -14.46 -5.83
CA ARG A 271 7.94 -13.47 -5.92
C ARG A 271 7.12 -13.68 -7.19
N VAL A 272 5.85 -14.05 -7.07
CA VAL A 272 5.06 -14.08 -8.29
C VAL A 272 4.57 -12.67 -8.72
N PHE A 273 4.02 -12.55 -9.92
CA PHE A 273 3.60 -11.22 -10.44
C PHE A 273 2.58 -11.41 -11.56
N VAL A 274 1.85 -10.34 -11.87
CA VAL A 274 0.90 -10.34 -12.98
C VAL A 274 1.62 -9.64 -14.12
N GLU A 275 1.89 -10.41 -15.17
CA GLU A 275 2.53 -9.86 -16.35
C GLU A 275 1.91 -8.54 -16.80
N LYS A 276 2.71 -7.61 -17.26
CA LYS A 276 2.19 -6.37 -17.81
C LYS A 276 1.09 -6.54 -18.89
N ARG A 277 1.24 -7.55 -19.76
CA ARG A 277 0.25 -7.74 -20.82
C ARG A 277 -1.10 -8.19 -20.24
N LYS A 278 -1.05 -8.96 -19.16
CA LYS A 278 -2.27 -9.38 -18.41
C LYS A 278 -2.94 -8.18 -17.75
N LYS A 279 -2.16 -7.23 -17.21
CA LYS A 279 -2.79 -6.02 -16.65
C LYS A 279 -3.61 -5.30 -17.72
N ALA A 280 -3.03 -5.25 -18.94
CA ALA A 280 -3.68 -4.49 -20.04
C ALA A 280 -4.96 -5.22 -20.41
N LYS A 281 -4.93 -6.53 -20.27
CA LYS A 281 -6.18 -7.28 -20.57
C LYS A 281 -7.29 -6.99 -19.54
N LEU A 282 -6.93 -6.99 -18.24
CA LEU A 282 -7.94 -6.65 -17.20
C LEU A 282 -8.53 -5.23 -17.43
N PHE A 283 -7.71 -4.30 -17.84
CA PHE A 283 -8.25 -2.98 -18.03
C PHE A 283 -9.17 -2.91 -19.23
N HIS A 284 -8.82 -3.63 -20.29
CA HIS A 284 -9.78 -3.76 -21.39
C HIS A 284 -11.12 -4.31 -20.89
N GLU A 285 -11.11 -5.39 -20.10
CA GLU A 285 -12.32 -6.02 -19.54
C GLU A 285 -13.15 -5.03 -18.72
N ILE A 286 -12.47 -4.25 -17.89
CA ILE A 286 -13.11 -3.32 -16.96
C ILE A 286 -13.73 -2.26 -17.80
N ASN A 287 -12.87 -1.62 -18.59
CA ASN A 287 -13.15 -0.39 -19.32
C ASN A 287 -14.23 -0.53 -20.36
N SER A 288 -14.44 -1.76 -20.82
CA SER A 288 -15.54 -2.07 -21.73
C SER A 288 -16.85 -1.75 -21.01
N LYS A 289 -16.86 -1.93 -19.70
CA LYS A 289 -18.06 -1.71 -18.88
C LYS A 289 -18.20 -0.26 -18.34
N TYR A 290 -17.15 0.54 -18.52
CA TYR A 290 -17.22 2.03 -18.32
C TYR A 290 -17.51 2.80 -19.65
OAA 2CJ B . 5.92 -4.74 -3.95
OAB 2CJ B . 1.30 -2.99 -2.45
OAC 2CJ B . 6.44 -4.94 -1.85
CAD 2CJ B . -5.51 2.31 -1.58
CAE 2CJ B . -0.57 5.06 -4.38
CAF 2CJ B . -4.84 2.39 -0.41
CAG 2CJ B . -4.82 2.08 -2.73
CAH 2CJ B . -1.21 3.91 -4.77
CAI 2CJ B . -0.14 5.22 -3.09
CAJ 2CJ B . -3.49 2.26 -0.43
CAK 2CJ B . -3.46 1.97 -2.74
CAL 2CJ B . -1.44 2.90 -3.88
CAM 2CJ B . -0.38 4.22 -2.20
CAN 2CJ B . 3.15 -3.82 -5.70
CAO 2CJ B . 4.63 -3.83 -5.62
CAP 2CJ B . 1.90 0.21 -0.98
CAQ 2CJ B . 0.05 -1.38 -0.64
CAR 2CJ B . 0.89 1.22 -1.58
CAS 2CJ B . -0.64 -0.05 -0.35
CAT 2CJ B . 2.73 -3.95 -4.23
CAU 2CJ B . 4.81 -2.81 -4.51
CAV 2CJ B . 4.37 -3.94 -2.40
CAW 2CJ B . 3.18 -1.74 -2.97
CAX 2CJ B . 5.70 -4.56 -2.76
CAY 2CJ B . 1.89 -1.95 -2.22
CAZ 2CJ B . -2.80 2.01 -1.55
CBA 2CJ B . -1.00 3.04 -2.59
CBB 2CJ B . -1.29 1.98 -1.50
NBC 2CJ B . 1.34 -1.11 -1.31
NBD 2CJ B . -0.51 0.75 -1.56
CBE 2CJ B . 3.76 -3.09 -3.51
MG MG C . 4.66 -8.04 3.20
#